data_5SLC
#
_entry.id   5SLC
#
_cell.length_a   67.741
_cell.length_b   68.328
_cell.length_c   138.333
_cell.angle_alpha   90.000
_cell.angle_beta   90.000
_cell.angle_gamma   90.000
#
_symmetry.space_group_name_H-M   'P 21 21 21'
#
loop_
_entity.id
_entity.type
_entity.pdbx_description
1 polymer 'Proofreading exoribonuclease nsp14'
2 non-polymer 'ZINC ION'
3 non-polymer 'PHOSPHATE ION'
4 non-polymer 1-(4-fluoro-2-methylphenyl)methanesulfonamide
5 water water
#
_entity_poly.entity_id   1
_entity_poly.type   'polypeptide(L)'
_entity_poly.pdbx_seq_one_letter_code
;SMLFKDCSKVITGLHPTQAPTHLSVDTKFKTEGLCVDIPGIPKDMTYRRLISMMGFKMNYQVNGYPNMFITREEAIRHVR
AWIGFDVEGCHATREAVGTNLPLQLGFSTGVNLVAVPTGYVDTPNNTDFSRVSAKPPPGDQFKHLIPLMYKGLPWNVVRI
KIVQMLSDTLKNLSDRVVFVLWAHGFELTSMKYFVKIGPERTCCLCDRRATCFSTASDTYACWHHSIGFDYVYNPFMIDV
QQWGFTGNLQSNHDLYCQVHGNAHVASCDAIMTRCLAVHECFVKRVDWTIEYPIIGDELKINAACRKVQHMVVKAALLAD
KFPVLHDIGNPKAIKCVPQADVEWKFYDAQPCSDKAYKIEELFYSYATHSDKFTDGVCLFWNCNVDRYPANSIVCRFDTR
VLSNLNLPGCDGGSLYVNKHAFHTPAFDKSAFVNLKQLPFFYYSDSPCESHGKQVVSDIDYVPLKSATCITRCNLGGAVC
RHHANEYRLYLDAYNMMISAGFSLWVYKQFDTYNLWNTFTRLQ
;
_entity_poly.pdbx_strand_id   D
#
loop_
_chem_comp.id
_chem_comp.type
_chem_comp.name
_chem_comp.formula
PO4 non-polymer 'PHOSPHATE ION' 'O4 P -3'
U1V non-polymer 1-(4-fluoro-2-methylphenyl)methanesulfonamide 'C8 H10 F N O2 S'
ZN non-polymer 'ZINC ION' 'Zn 2'
#
# COMPACT_ATOMS: atom_id res chain seq x y z
N PRO A 20 22.53 0.00 16.75
CA PRO A 20 22.14 -1.07 15.83
C PRO A 20 21.11 -0.60 14.79
N THR A 21 21.35 0.60 14.24
CA THR A 21 20.49 1.20 13.21
C THR A 21 20.63 0.43 11.90
N HIS A 22 21.87 0.10 11.50
CA HIS A 22 22.13 -0.63 10.26
C HIS A 22 22.53 -2.09 10.51
N LEU A 23 22.50 -2.92 9.46
CA LEU A 23 22.88 -4.32 9.55
C LEU A 23 24.40 -4.40 9.52
N SER A 24 25.03 -4.92 10.59
CA SER A 24 26.48 -5.06 10.60
C SER A 24 26.97 -5.92 9.44
N VAL A 25 28.01 -5.47 8.73
CA VAL A 25 28.61 -6.31 7.68
C VAL A 25 29.23 -7.57 8.27
N ASP A 26 29.59 -7.56 9.57
CA ASP A 26 30.15 -8.72 10.23
C ASP A 26 29.07 -9.72 10.70
N THR A 27 27.78 -9.46 10.42
CA THR A 27 26.70 -10.38 10.76
C THR A 27 26.85 -11.63 9.88
N LYS A 28 26.48 -12.80 10.42
CA LYS A 28 26.55 -14.05 9.66
C LYS A 28 25.40 -14.19 8.67
N PHE A 29 25.71 -14.73 7.49
CA PHE A 29 24.73 -14.96 6.44
C PHE A 29 24.69 -16.48 6.22
N LYS A 30 23.49 -17.10 6.31
CA LYS A 30 23.38 -18.56 6.13
C LYS A 30 23.46 -18.85 4.64
N THR A 31 24.40 -19.71 4.21
CA THR A 31 24.64 -19.96 2.80
C THR A 31 23.98 -21.20 2.20
N GLU A 32 23.27 -22.01 3.00
CA GLU A 32 22.66 -23.25 2.50
C GLU A 32 21.80 -23.07 1.23
N GLY A 33 20.96 -22.05 1.21
CA GLY A 33 20.12 -21.71 0.06
C GLY A 33 20.89 -21.32 -1.20
N LEU A 34 22.18 -20.98 -1.07
CA LEU A 34 23.02 -20.57 -2.20
C LEU A 34 23.86 -21.72 -2.80
N CYS A 35 23.96 -22.87 -2.11
CA CYS A 35 24.91 -23.92 -2.54
C CYS A 35 24.53 -24.73 -3.80
N VAL A 36 23.30 -24.62 -4.33
CA VAL A 36 22.98 -25.35 -5.58
C VAL A 36 23.52 -24.53 -6.78
N ASP A 37 23.37 -23.20 -6.74
CA ASP A 37 23.96 -22.34 -7.76
C ASP A 37 25.46 -22.14 -7.53
N ILE A 38 25.89 -22.12 -6.26
CA ILE A 38 27.30 -21.90 -5.89
C ILE A 38 27.80 -23.08 -5.05
N PRO A 39 28.06 -24.24 -5.69
CA PRO A 39 28.53 -25.40 -4.92
C PRO A 39 29.89 -25.14 -4.28
N GLY A 40 30.06 -25.63 -3.05
CA GLY A 40 31.28 -25.46 -2.28
C GLY A 40 31.31 -24.20 -1.45
N ILE A 41 30.22 -23.38 -1.47
CA ILE A 41 30.20 -22.14 -0.70
C ILE A 41 30.43 -22.40 0.80
N PRO A 42 31.29 -21.59 1.45
CA PRO A 42 31.56 -21.81 2.87
C PRO A 42 30.30 -21.65 3.70
N LYS A 43 30.16 -22.51 4.70
CA LYS A 43 29.02 -22.43 5.62
C LYS A 43 29.16 -21.14 6.48
N ASP A 44 30.41 -20.81 6.84
CA ASP A 44 30.75 -19.66 7.64
C ASP A 44 30.92 -18.48 6.70
N MET A 45 29.98 -17.56 6.74
CA MET A 45 29.99 -16.43 5.81
C MET A 45 29.44 -15.17 6.48
N THR A 46 30.04 -14.02 6.22
CA THR A 46 29.52 -12.74 6.71
C THR A 46 29.01 -11.94 5.51
N TYR A 47 28.24 -10.86 5.75
CA TYR A 47 27.82 -9.97 4.68
C TYR A 47 29.08 -9.33 4.03
N ARG A 48 30.13 -9.04 4.83
CA ARG A 48 31.39 -8.49 4.35
C ARG A 48 31.99 -9.38 3.26
N ARG A 49 32.08 -10.71 3.52
CA ARG A 49 32.63 -11.66 2.55
C ARG A 49 31.69 -11.93 1.37
N LEU A 50 30.37 -11.93 1.63
CA LEU A 50 29.37 -12.13 0.60
C LEU A 50 29.44 -10.99 -0.41
N ILE A 51 29.53 -9.73 0.07
CA ILE A 51 29.59 -8.55 -0.82
C ILE A 51 30.85 -8.59 -1.69
N SER A 52 31.98 -9.02 -1.11
CA SER A 52 33.22 -9.17 -1.86
C SER A 52 33.07 -10.25 -2.93
N MET A 53 32.46 -11.39 -2.58
CA MET A 53 32.20 -12.50 -3.50
C MET A 53 31.30 -12.04 -4.67
N MET A 54 30.38 -11.11 -4.37
CA MET A 54 29.48 -10.55 -5.38
C MET A 54 30.20 -9.58 -6.37
N GLY A 55 31.49 -9.30 -6.12
CA GLY A 55 32.28 -8.42 -6.97
C GLY A 55 32.25 -6.95 -6.60
N PHE A 56 31.76 -6.60 -5.40
CA PHE A 56 31.72 -5.20 -4.97
C PHE A 56 32.80 -4.90 -3.93
N LYS A 57 33.33 -3.67 -3.94
CA LYS A 57 34.35 -3.30 -2.96
C LYS A 57 33.83 -2.14 -2.11
N MET A 58 33.74 -2.35 -0.79
CA MET A 58 33.22 -1.30 0.10
C MET A 58 34.30 -0.25 0.47
N ASN A 59 35.59 -0.66 0.53
CA ASN A 59 36.75 0.22 0.78
C ASN A 59 36.82 0.93 2.17
N TYR A 60 36.24 0.33 3.25
CA TYR A 60 36.18 0.92 4.61
C TYR A 60 35.55 2.33 4.52
N GLN A 61 34.35 2.39 3.94
CA GLN A 61 33.69 3.67 3.69
C GLN A 61 32.49 3.98 4.64
N VAL A 62 32.64 5.06 5.42
CA VAL A 62 31.61 5.56 6.34
C VAL A 62 30.88 6.75 5.69
N ASN A 63 30.55 6.61 4.40
CA ASN A 63 29.90 7.68 3.67
C ASN A 63 28.42 7.39 3.38
N GLY A 64 27.70 6.88 4.37
CA GLY A 64 26.27 6.65 4.29
C GLY A 64 25.78 5.30 3.78
N TYR A 65 26.66 4.47 3.24
CA TYR A 65 26.25 3.17 2.70
C TYR A 65 27.03 2.05 3.40
N PRO A 66 26.66 1.68 4.64
CA PRO A 66 27.46 0.70 5.39
C PRO A 66 27.34 -0.73 4.95
N ASN A 67 26.22 -1.07 4.30
CA ASN A 67 25.97 -2.44 3.87
C ASN A 67 24.90 -2.41 2.76
N MET A 68 25.07 -3.23 1.72
CA MET A 68 24.07 -3.37 0.64
C MET A 68 22.77 -4.04 1.18
N PHE A 69 22.94 -4.91 2.20
CA PHE A 69 21.85 -5.62 2.83
C PHE A 69 21.36 -4.85 4.06
N ILE A 70 20.06 -4.93 4.33
CA ILE A 70 19.44 -4.21 5.43
C ILE A 70 18.67 -5.16 6.38
N THR A 71 18.40 -4.68 7.59
CA THR A 71 17.64 -5.44 8.56
C THR A 71 16.15 -5.53 8.15
N ARG A 72 15.41 -6.45 8.76
CA ARG A 72 13.97 -6.58 8.54
C ARG A 72 13.25 -5.29 8.96
N GLU A 73 13.73 -4.65 10.06
CA GLU A 73 13.16 -3.40 10.55
C GLU A 73 13.38 -2.25 9.54
N GLU A 74 14.61 -2.15 8.97
CA GLU A 74 14.88 -1.12 7.96
C GLU A 74 14.03 -1.40 6.70
N ALA A 75 13.87 -2.69 6.33
CA ALA A 75 13.05 -3.04 5.17
C ALA A 75 11.59 -2.63 5.36
N ILE A 76 11.03 -2.85 6.55
CA ILE A 76 9.63 -2.50 6.87
C ILE A 76 9.42 -0.99 6.76
N ARG A 77 10.38 -0.20 7.27
CA ARG A 77 10.29 1.26 7.14
C ARG A 77 10.32 1.70 5.67
N HIS A 78 10.93 0.90 4.80
CA HIS A 78 11.03 1.23 3.38
C HIS A 78 10.23 0.26 2.51
N VAL A 79 9.07 -0.20 3.00
CA VAL A 79 8.21 -1.11 2.24
C VAL A 79 7.84 -0.56 0.84
N ARG A 80 7.71 0.78 0.68
CA ARG A 80 7.38 1.36 -0.62
C ARG A 80 8.46 1.09 -1.68
N ALA A 81 9.71 0.87 -1.25
CA ALA A 81 10.85 0.60 -2.13
C ALA A 81 10.94 -0.88 -2.55
N TRP A 82 10.11 -1.78 -1.96
CA TRP A 82 10.28 -3.22 -2.20
C TRP A 82 10.00 -3.64 -3.63
N ILE A 83 10.99 -4.34 -4.22
CA ILE A 83 10.87 -4.90 -5.56
C ILE A 83 11.42 -6.31 -5.45
N GLY A 84 10.56 -7.31 -5.59
CA GLY A 84 10.99 -8.71 -5.60
C GLY A 84 11.87 -8.95 -6.81
N PHE A 85 12.93 -9.76 -6.65
CA PHE A 85 13.85 -9.98 -7.75
C PHE A 85 14.35 -11.41 -7.71
N ASP A 86 14.27 -12.10 -8.84
CA ASP A 86 14.72 -13.47 -8.93
C ASP A 86 15.49 -13.64 -10.23
N VAL A 87 16.48 -14.51 -10.22
CA VAL A 87 17.24 -14.81 -11.43
C VAL A 87 17.28 -16.32 -11.60
N GLU A 88 16.90 -16.78 -12.78
CA GLU A 88 16.87 -18.18 -13.12
C GLU A 88 17.81 -18.46 -14.29
N GLY A 89 18.62 -19.50 -14.17
CA GLY A 89 19.51 -19.90 -15.25
C GLY A 89 18.69 -20.46 -16.40
N CYS A 90 18.70 -19.78 -17.56
CA CYS A 90 17.97 -20.26 -18.74
C CYS A 90 18.64 -21.53 -19.25
N HIS A 91 19.98 -21.53 -19.30
CA HIS A 91 20.76 -22.69 -19.74
C HIS A 91 21.72 -23.12 -18.62
N GLY A 98 25.47 -18.10 -15.49
CA GLY A 98 26.68 -18.76 -15.03
C GLY A 98 27.88 -18.43 -15.89
N THR A 99 27.93 -17.17 -16.41
CA THR A 99 28.95 -16.57 -17.28
C THR A 99 28.90 -17.16 -18.71
N ASN A 100 28.53 -18.44 -18.85
CA ASN A 100 28.42 -19.08 -20.15
C ASN A 100 26.97 -19.22 -20.64
N LEU A 101 25.99 -19.07 -19.74
CA LEU A 101 24.58 -19.27 -20.06
C LEU A 101 23.70 -18.02 -19.90
N PRO A 102 22.60 -17.94 -20.67
CA PRO A 102 21.67 -16.82 -20.54
C PRO A 102 20.92 -16.86 -19.20
N LEU A 103 20.57 -15.69 -18.66
CA LEU A 103 19.87 -15.60 -17.39
C LEU A 103 18.53 -14.92 -17.58
N GLN A 104 17.51 -15.41 -16.86
CA GLN A 104 16.20 -14.78 -16.89
C GLN A 104 16.03 -13.99 -15.61
N LEU A 105 15.94 -12.66 -15.74
CA LEU A 105 15.82 -11.73 -14.63
C LEU A 105 14.35 -11.43 -14.48
N GLY A 106 13.79 -11.72 -13.32
CA GLY A 106 12.37 -11.49 -13.07
C GLY A 106 12.17 -10.52 -11.94
N PHE A 107 11.21 -9.60 -12.09
CA PHE A 107 10.92 -8.59 -11.09
C PHE A 107 9.43 -8.67 -10.66
N SER A 108 9.11 -8.21 -9.43
CA SER A 108 7.71 -8.24 -8.96
C SER A 108 6.77 -7.28 -9.73
N THR A 109 7.33 -6.49 -10.66
CA THR A 109 6.56 -5.67 -11.59
C THR A 109 5.95 -6.56 -12.73
N GLY A 110 6.26 -7.87 -12.76
CA GLY A 110 5.82 -8.79 -13.79
C GLY A 110 6.76 -8.88 -14.99
N VAL A 111 7.82 -8.08 -15.00
CA VAL A 111 8.77 -8.04 -16.10
C VAL A 111 9.82 -9.18 -16.01
N ASN A 112 10.07 -9.85 -17.15
CA ASN A 112 11.13 -10.85 -17.30
C ASN A 112 12.04 -10.37 -18.43
N LEU A 113 13.34 -10.23 -18.15
CA LEU A 113 14.35 -9.82 -19.14
C LEU A 113 15.36 -10.96 -19.30
N VAL A 114 15.73 -11.32 -20.53
CA VAL A 114 16.76 -12.36 -20.73
C VAL A 114 18.08 -11.66 -21.04
N ALA A 115 19.10 -11.91 -20.21
CA ALA A 115 20.42 -11.33 -20.41
C ALA A 115 21.40 -12.41 -20.89
N VAL A 116 22.03 -12.16 -22.04
CA VAL A 116 23.01 -13.07 -22.62
C VAL A 116 24.41 -12.54 -22.34
N PRO A 117 25.37 -13.43 -22.03
CA PRO A 117 26.73 -12.96 -21.75
C PRO A 117 27.57 -12.66 -23.00
N THR A 118 27.06 -13.03 -24.20
CA THR A 118 27.63 -12.89 -25.55
C THR A 118 28.97 -12.11 -25.63
N PRO A 147 3.88 -10.92 -16.33
CA PRO A 147 4.21 -12.03 -17.23
C PRO A 147 4.76 -11.57 -18.57
N LEU A 148 5.42 -10.39 -18.61
CA LEU A 148 5.96 -9.84 -19.86
C LEU A 148 7.35 -10.41 -20.13
N MET A 149 7.47 -11.23 -21.19
CA MET A 149 8.73 -11.89 -21.56
C MET A 149 9.48 -11.14 -22.66
N TYR A 150 10.79 -10.94 -22.48
CA TYR A 150 11.61 -10.25 -23.50
C TYR A 150 12.74 -11.17 -23.97
N LYS A 151 13.07 -11.14 -25.28
CA LYS A 151 14.12 -11.97 -25.89
C LYS A 151 15.53 -11.59 -25.41
N GLY A 152 16.47 -12.54 -25.50
CA GLY A 152 17.86 -12.44 -25.08
C GLY A 152 18.65 -11.24 -25.61
N LEU A 153 19.20 -10.45 -24.69
CA LEU A 153 19.96 -9.26 -25.05
C LEU A 153 21.18 -9.08 -24.16
N PRO A 154 22.27 -8.46 -24.68
CA PRO A 154 23.45 -8.26 -23.83
C PRO A 154 23.22 -7.33 -22.64
N TRP A 155 24.04 -7.48 -21.60
CA TRP A 155 23.92 -6.69 -20.37
C TRP A 155 23.93 -5.19 -20.55
N ASN A 156 24.73 -4.68 -21.49
CA ASN A 156 24.81 -3.25 -21.75
C ASN A 156 23.46 -2.63 -22.10
N VAL A 157 22.51 -3.42 -22.63
CA VAL A 157 21.18 -2.86 -22.95
C VAL A 157 20.15 -3.28 -21.91
N VAL A 158 20.32 -4.47 -21.29
CA VAL A 158 19.43 -4.94 -20.22
C VAL A 158 19.47 -3.96 -19.05
N ARG A 159 20.69 -3.51 -18.67
CA ARG A 159 20.86 -2.56 -17.56
C ARG A 159 20.07 -1.24 -17.82
N ILE A 160 20.05 -0.73 -19.06
CA ILE A 160 19.29 0.48 -19.38
C ILE A 160 17.78 0.27 -19.08
N LYS A 161 17.24 -0.92 -19.43
CA LYS A 161 15.83 -1.25 -19.22
C LYS A 161 15.52 -1.40 -17.71
N ILE A 162 16.45 -1.98 -16.93
CA ILE A 162 16.26 -2.13 -15.49
C ILE A 162 16.12 -0.74 -14.83
N VAL A 163 17.03 0.18 -15.19
CA VAL A 163 16.99 1.54 -14.67
C VAL A 163 15.65 2.22 -15.03
N GLN A 164 15.22 2.13 -16.29
CA GLN A 164 13.94 2.72 -16.72
C GLN A 164 12.76 2.11 -15.91
N MET A 165 12.70 0.77 -15.82
CA MET A 165 11.63 0.08 -15.11
C MET A 165 11.55 0.46 -13.63
N LEU A 166 12.68 0.38 -12.89
CA LEU A 166 12.71 0.79 -11.48
C LEU A 166 12.36 2.28 -11.32
N SER A 167 12.90 3.14 -12.17
CA SER A 167 12.62 4.58 -12.10
C SER A 167 11.13 4.87 -12.27
N ASP A 168 10.48 4.25 -13.26
CA ASP A 168 9.05 4.49 -13.48
C ASP A 168 8.20 3.91 -12.36
N THR A 169 8.62 2.76 -11.80
CA THR A 169 7.88 2.12 -10.74
C THR A 169 7.99 2.88 -9.43
N LEU A 170 9.21 3.34 -9.08
CA LEU A 170 9.52 3.93 -7.77
C LEU A 170 9.55 5.44 -7.62
N LYS A 171 9.61 6.23 -8.69
CA LYS A 171 9.75 7.68 -8.55
C LYS A 171 8.70 8.34 -7.63
N ASN A 172 7.45 7.90 -7.70
CA ASN A 172 6.38 8.45 -6.86
C ASN A 172 6.15 7.65 -5.56
N LEU A 173 7.04 6.70 -5.22
CA LEU A 173 6.88 5.86 -4.05
C LEU A 173 7.96 6.02 -3.01
N SER A 174 9.22 6.06 -3.45
CA SER A 174 10.32 5.98 -2.52
C SER A 174 11.58 6.67 -3.01
N ASP A 175 12.48 6.96 -2.07
CA ASP A 175 13.78 7.54 -2.39
C ASP A 175 14.83 6.45 -2.71
N ARG A 176 14.44 5.15 -2.71
CA ARG A 176 15.40 4.07 -2.94
C ARG A 176 14.72 2.84 -3.57
N VAL A 177 15.48 1.74 -3.70
CA VAL A 177 14.98 0.44 -4.10
C VAL A 177 15.48 -0.57 -3.06
N VAL A 178 14.60 -1.48 -2.62
CA VAL A 178 14.97 -2.62 -1.75
C VAL A 178 14.66 -3.89 -2.56
N PHE A 179 15.68 -4.60 -3.03
CA PHE A 179 15.48 -5.85 -3.77
C PHE A 179 15.18 -6.95 -2.74
N VAL A 180 13.97 -7.50 -2.81
CA VAL A 180 13.51 -8.54 -1.92
C VAL A 180 13.79 -9.87 -2.59
N LEU A 181 14.69 -10.64 -1.97
CA LEU A 181 15.16 -11.89 -2.53
C LEU A 181 14.75 -13.15 -1.77
N TRP A 182 14.77 -14.29 -2.45
CA TRP A 182 14.72 -15.62 -1.85
C TRP A 182 16.01 -16.19 -2.49
N ALA A 183 17.14 -15.78 -1.93
CA ALA A 183 18.44 -15.94 -2.56
C ALA A 183 18.93 -17.36 -2.73
N HIS A 184 19.18 -17.72 -4.00
CA HIS A 184 19.73 -19.03 -4.32
C HIS A 184 21.11 -18.95 -5.04
N GLY A 185 21.60 -17.76 -5.33
CA GLY A 185 22.93 -17.56 -5.94
C GLY A 185 23.00 -16.68 -7.19
N PHE A 186 22.33 -17.08 -8.28
CA PHE A 186 22.42 -16.34 -9.54
C PHE A 186 22.01 -14.86 -9.42
N GLU A 187 21.01 -14.56 -8.58
CA GLU A 187 20.59 -13.16 -8.41
C GLU A 187 21.70 -12.32 -7.79
N LEU A 188 22.42 -12.86 -6.80
CA LEU A 188 23.51 -12.13 -6.17
C LEU A 188 24.70 -11.93 -7.10
N THR A 189 25.06 -12.95 -7.87
CA THR A 189 26.18 -12.86 -8.81
C THR A 189 25.82 -12.05 -10.09
N SER A 190 24.53 -11.76 -10.33
CA SER A 190 24.15 -10.96 -11.50
C SER A 190 24.19 -9.44 -11.21
N MET A 191 24.23 -9.06 -9.92
CA MET A 191 24.15 -7.65 -9.53
C MET A 191 25.29 -6.78 -10.02
N LYS A 192 26.49 -7.32 -10.10
CA LYS A 192 27.64 -6.58 -10.62
C LYS A 192 27.43 -6.12 -12.07
N TYR A 193 26.50 -6.74 -12.81
CA TYR A 193 26.26 -6.36 -14.19
C TYR A 193 25.34 -5.15 -14.36
N PHE A 194 24.68 -4.68 -13.29
CA PHE A 194 23.76 -3.54 -13.42
C PHE A 194 23.72 -2.62 -12.19
N VAL A 195 24.55 -2.88 -11.19
CA VAL A 195 24.62 -2.15 -9.95
C VAL A 195 26.03 -1.58 -9.78
N LYS A 196 26.10 -0.33 -9.36
CA LYS A 196 27.33 0.35 -8.97
C LYS A 196 27.09 0.85 -7.54
N ILE A 197 28.11 0.80 -6.71
CA ILE A 197 28.02 1.27 -5.35
C ILE A 197 29.12 2.32 -5.06
N GLY A 198 28.92 3.10 -4.02
CA GLY A 198 29.88 4.09 -3.58
C GLY A 198 29.31 4.89 -2.43
N PRO A 199 29.85 6.09 -2.20
CA PRO A 199 29.29 6.95 -1.15
C PRO A 199 27.89 7.43 -1.52
N GLU A 200 27.08 7.78 -0.50
CA GLU A 200 25.76 8.36 -0.74
C GLU A 200 25.92 9.69 -1.47
N ARG A 201 25.11 9.91 -2.50
CA ARG A 201 25.19 11.10 -3.34
C ARG A 201 23.84 11.75 -3.57
N THR A 202 23.85 12.98 -4.11
CA THR A 202 22.60 13.64 -4.46
C THR A 202 22.45 13.65 -5.98
N CYS A 203 21.23 13.86 -6.44
CA CYS A 203 20.90 13.93 -7.86
C CYS A 203 21.58 15.13 -8.52
N CYS A 204 21.92 15.02 -9.80
CA CYS A 204 22.56 16.13 -10.52
C CYS A 204 21.56 17.23 -10.88
N LEU A 205 20.25 16.94 -10.92
CA LEU A 205 19.23 17.92 -11.28
C LEU A 205 18.30 18.32 -10.11
N CYS A 206 18.42 17.66 -8.93
CA CYS A 206 17.61 18.03 -7.77
C CYS A 206 18.30 17.67 -6.42
N ASP A 207 17.60 17.84 -5.29
CA ASP A 207 18.17 17.58 -3.97
C ASP A 207 17.95 16.14 -3.46
N ARG A 208 17.20 15.31 -4.20
CA ARG A 208 16.97 13.93 -3.76
C ARG A 208 18.22 13.06 -3.82
N ARG A 209 18.29 11.98 -3.00
CA ARG A 209 19.46 11.10 -3.05
C ARG A 209 19.53 10.39 -4.41
N ALA A 210 20.75 10.12 -4.86
CA ALA A 210 21.03 9.45 -6.11
C ALA A 210 20.66 7.96 -5.99
N THR A 211 19.94 7.47 -6.98
CA THR A 211 19.54 6.08 -7.13
C THR A 211 20.06 5.46 -8.43
N CYS A 212 20.59 6.29 -9.37
CA CYS A 212 21.07 5.84 -10.66
C CYS A 212 22.41 6.51 -11.02
N PHE A 213 23.19 5.84 -11.85
CA PHE A 213 24.46 6.37 -12.34
C PHE A 213 24.51 6.20 -13.86
N SER A 214 25.12 7.15 -14.56
CA SER A 214 25.27 7.07 -16.00
C SER A 214 26.76 6.97 -16.37
N THR A 215 27.19 5.88 -17.05
CA THR A 215 28.58 5.80 -17.53
C THR A 215 28.80 6.75 -18.73
N ALA A 216 27.73 7.17 -19.43
CA ALA A 216 27.87 8.07 -20.59
C ALA A 216 28.30 9.47 -20.16
N SER A 217 27.69 10.02 -19.11
CA SER A 217 28.02 11.37 -18.65
C SER A 217 28.80 11.40 -17.32
N ASP A 218 29.00 10.25 -16.65
CA ASP A 218 29.67 10.22 -15.34
C ASP A 218 28.87 11.04 -14.29
N THR A 219 27.52 11.00 -14.36
CA THR A 219 26.65 11.74 -13.44
C THR A 219 25.69 10.81 -12.65
N TYR A 220 25.04 11.35 -11.61
CA TYR A 220 24.12 10.61 -10.75
C TYR A 220 22.74 11.23 -10.78
N ALA A 221 21.71 10.43 -10.61
CA ALA A 221 20.35 10.91 -10.64
C ALA A 221 19.44 10.15 -9.70
N CYS A 222 18.34 10.79 -9.29
CA CYS A 222 17.28 10.16 -8.50
C CYS A 222 16.36 9.42 -9.53
N TRP A 223 15.25 8.80 -9.07
CA TRP A 223 14.35 8.10 -9.98
C TRP A 223 13.64 9.05 -10.96
N HIS A 224 13.47 10.34 -10.60
CA HIS A 224 12.76 11.29 -11.47
C HIS A 224 13.64 11.86 -12.59
N HIS A 225 14.99 11.80 -12.44
CA HIS A 225 15.87 12.43 -13.43
C HIS A 225 16.85 11.50 -14.08
N SER A 226 16.49 10.21 -14.16
CA SER A 226 17.39 9.16 -14.63
C SER A 226 17.22 8.72 -16.08
N ILE A 227 16.47 9.45 -16.93
CA ILE A 227 16.29 9.02 -18.33
C ILE A 227 17.65 8.88 -19.04
N GLY A 228 17.88 7.74 -19.69
CA GLY A 228 19.16 7.49 -20.35
C GLY A 228 20.26 6.93 -19.44
N PHE A 229 19.95 6.72 -18.16
CA PHE A 229 20.93 6.19 -17.20
C PHE A 229 21.05 4.65 -17.29
N ASP A 230 22.25 4.10 -17.04
CA ASP A 230 22.46 2.67 -17.25
C ASP A 230 22.79 1.84 -15.99
N TYR A 231 23.11 2.46 -14.84
CA TYR A 231 23.37 1.67 -13.63
C TYR A 231 22.49 2.02 -12.45
N VAL A 232 22.06 1.01 -11.70
CA VAL A 232 21.33 1.22 -10.47
C VAL A 232 22.43 1.54 -9.46
N TYR A 233 22.30 2.66 -8.76
CA TYR A 233 23.32 3.11 -7.83
C TYR A 233 22.88 2.94 -6.39
N ASN A 234 23.74 2.35 -5.54
CA ASN A 234 23.46 2.14 -4.12
C ASN A 234 22.04 1.56 -3.82
N PRO A 235 21.68 0.44 -4.47
CA PRO A 235 20.41 -0.21 -4.11
C PRO A 235 20.57 -0.89 -2.74
N PHE A 236 19.45 -1.30 -2.17
CA PHE A 236 19.46 -2.06 -0.93
C PHE A 236 18.82 -3.43 -1.23
N MET A 237 19.01 -4.38 -0.33
CA MET A 237 18.49 -5.72 -0.55
C MET A 237 18.29 -6.49 0.74
N ILE A 238 17.42 -7.47 0.71
CA ILE A 238 17.16 -8.32 1.86
C ILE A 238 16.85 -9.73 1.39
N ASP A 239 17.47 -10.73 2.03
CA ASP A 239 17.25 -12.10 1.69
C ASP A 239 16.26 -12.70 2.71
N VAL A 240 15.01 -12.90 2.24
CA VAL A 240 13.91 -13.52 3.01
C VAL A 240 14.32 -14.89 3.59
N GLN A 241 15.17 -15.65 2.88
CA GLN A 241 15.64 -16.95 3.41
C GLN A 241 16.41 -16.81 4.73
N GLN A 242 16.93 -15.61 5.06
CA GLN A 242 17.66 -15.45 6.32
C GLN A 242 16.75 -15.44 7.55
N TRP A 243 15.43 -15.34 7.36
CA TRP A 243 14.46 -15.23 8.45
C TRP A 243 14.10 -16.54 9.13
N GLY A 244 14.46 -17.67 8.53
CA GLY A 244 14.18 -18.97 9.12
C GLY A 244 12.93 -19.60 8.54
N PHE A 245 13.12 -20.42 7.53
CA PHE A 245 12.01 -21.07 6.86
C PHE A 245 12.35 -22.51 6.58
N THR A 246 11.34 -23.34 6.56
CA THR A 246 11.49 -24.73 6.18
C THR A 246 10.89 -24.89 4.80
N GLY A 247 11.61 -25.58 3.93
CA GLY A 247 11.12 -25.81 2.58
C GLY A 247 11.29 -24.64 1.64
N ASN A 248 10.87 -24.84 0.40
CA ASN A 248 11.10 -23.87 -0.64
C ASN A 248 10.15 -22.64 -0.59
N LEU A 249 10.41 -21.69 -1.47
CA LEU A 249 9.64 -20.47 -1.62
C LEU A 249 8.16 -20.80 -1.87
N GLN A 250 7.86 -21.63 -2.88
CA GLN A 250 6.46 -21.91 -3.23
C GLN A 250 5.67 -22.51 -2.08
N SER A 251 6.26 -23.44 -1.32
CA SER A 251 5.55 -24.06 -0.20
C SER A 251 5.25 -23.05 0.92
N ASN A 252 6.18 -22.11 1.19
CA ASN A 252 5.94 -21.10 2.23
C ASN A 252 4.93 -20.05 1.75
N HIS A 253 5.09 -19.59 0.52
CA HIS A 253 4.19 -18.61 -0.07
C HIS A 253 2.74 -19.15 -0.11
N ASP A 254 2.55 -20.38 -0.62
CA ASP A 254 1.23 -21.00 -0.81
C ASP A 254 0.45 -21.29 0.47
N LEU A 255 1.13 -21.27 1.63
CA LEU A 255 0.47 -21.46 2.93
C LEU A 255 -0.49 -20.30 3.24
N TYR A 256 -0.19 -19.10 2.72
CA TYR A 256 -0.93 -17.88 3.01
C TYR A 256 -1.59 -17.24 1.80
N CYS A 257 -1.26 -17.67 0.57
CA CYS A 257 -1.76 -17.00 -0.63
C CYS A 257 -2.11 -17.92 -1.79
N GLN A 258 -3.28 -17.68 -2.36
CA GLN A 258 -3.80 -18.44 -3.51
C GLN A 258 -3.91 -17.61 -4.79
N VAL A 259 -3.62 -16.30 -4.73
CA VAL A 259 -3.76 -15.39 -5.87
C VAL A 259 -2.55 -15.40 -6.81
N HIS A 260 -1.36 -15.70 -6.28
CA HIS A 260 -0.16 -15.76 -7.10
C HIS A 260 0.19 -17.21 -7.38
N GLY A 261 0.26 -17.57 -8.65
CA GLY A 261 0.62 -18.92 -9.03
C GLY A 261 2.10 -19.05 -9.35
N ASN A 262 2.51 -20.25 -9.75
CA ASN A 262 3.90 -20.47 -10.14
C ASN A 262 3.95 -20.84 -11.60
N ALA A 263 3.84 -19.85 -12.49
CA ALA A 263 3.91 -20.12 -13.93
C ALA A 263 5.32 -20.47 -14.40
N HIS A 264 6.22 -20.86 -13.47
CA HIS A 264 7.60 -21.30 -13.65
C HIS A 264 8.52 -20.29 -14.36
N VAL A 265 8.31 -18.99 -14.13
CA VAL A 265 9.20 -17.95 -14.66
C VAL A 265 9.72 -17.10 -13.49
N ALA A 266 10.84 -16.41 -13.69
CA ALA A 266 11.47 -15.63 -12.64
C ALA A 266 10.57 -14.55 -12.01
N SER A 267 9.73 -13.87 -12.82
CA SER A 267 8.83 -12.85 -12.26
C SER A 267 7.83 -13.49 -11.30
N CYS A 268 7.38 -14.73 -11.56
CA CYS A 268 6.46 -15.42 -10.64
C CYS A 268 7.13 -15.61 -9.26
N ASP A 269 8.40 -16.04 -9.26
CA ASP A 269 9.17 -16.20 -8.04
C ASP A 269 9.35 -14.83 -7.36
N ALA A 270 9.68 -13.78 -8.12
CA ALA A 270 9.85 -12.42 -7.59
C ALA A 270 8.56 -11.94 -6.87
N ILE A 271 7.40 -12.15 -7.51
CA ILE A 271 6.12 -11.79 -6.97
C ILE A 271 5.84 -12.57 -5.66
N MET A 272 6.01 -13.89 -5.69
CA MET A 272 5.82 -14.75 -4.50
C MET A 272 6.77 -14.32 -3.35
N THR A 273 8.02 -14.01 -3.66
CA THR A 273 9.02 -13.60 -2.67
C THR A 273 8.57 -12.32 -1.95
N ARG A 274 8.21 -11.28 -2.73
CA ARG A 274 7.71 -10.03 -2.14
C ARG A 274 6.38 -10.27 -1.37
N CYS A 275 5.46 -11.10 -1.90
CA CYS A 275 4.18 -11.41 -1.23
C CYS A 275 4.47 -12.08 0.14
N LEU A 276 5.43 -13.02 0.17
CA LEU A 276 5.78 -13.72 1.40
C LEU A 276 6.35 -12.74 2.42
N ALA A 277 7.20 -11.80 1.98
CA ALA A 277 7.79 -10.77 2.85
C ALA A 277 6.68 -9.83 3.39
N VAL A 278 5.74 -9.42 2.54
CA VAL A 278 4.61 -8.58 3.01
C VAL A 278 3.78 -9.37 4.06
N HIS A 279 3.53 -10.66 3.83
CA HIS A 279 2.80 -11.48 4.80
C HIS A 279 3.48 -11.51 6.17
N GLU A 280 4.79 -11.76 6.18
CA GLU A 280 5.55 -11.87 7.41
C GLU A 280 5.66 -10.57 8.20
N CYS A 281 5.70 -9.44 7.49
CA CYS A 281 5.93 -8.15 8.11
C CYS A 281 4.67 -7.35 8.39
N PHE A 282 3.59 -7.62 7.68
CA PHE A 282 2.37 -6.81 7.79
C PHE A 282 1.09 -7.57 8.08
N VAL A 283 1.12 -8.90 7.92
CA VAL A 283 -0.05 -9.72 8.20
C VAL A 283 0.20 -10.48 9.52
N LYS A 284 1.16 -11.44 9.57
CA LYS A 284 1.44 -12.18 10.80
C LYS A 284 1.98 -11.29 11.93
N ARG A 285 2.67 -10.21 11.56
CA ARG A 285 3.19 -9.22 12.50
C ARG A 285 2.63 -7.86 12.08
N VAL A 286 2.12 -7.04 13.02
CA VAL A 286 1.58 -5.72 12.67
C VAL A 286 2.22 -4.66 13.55
N ASP A 287 2.60 -3.51 12.98
CA ASP A 287 3.18 -2.41 13.75
C ASP A 287 2.59 -1.06 13.35
N TRP A 288 1.67 -0.54 14.16
CA TRP A 288 1.06 0.75 13.88
C TRP A 288 1.86 1.96 14.44
N THR A 289 3.02 1.72 15.06
CA THR A 289 3.87 2.80 15.56
C THR A 289 4.73 3.38 14.43
N ILE A 290 5.07 2.56 13.41
CA ILE A 290 5.89 2.99 12.30
C ILE A 290 5.19 4.03 11.44
N GLU A 291 5.85 5.17 11.29
CA GLU A 291 5.36 6.30 10.52
C GLU A 291 6.02 6.29 9.13
N TYR A 292 5.24 6.57 8.09
CA TYR A 292 5.74 6.60 6.73
C TYR A 292 5.62 8.03 6.19
N PRO A 293 6.60 8.51 5.39
CA PRO A 293 6.52 9.89 4.89
C PRO A 293 5.33 10.21 3.97
N ILE A 294 5.04 11.52 3.83
CA ILE A 294 3.96 11.97 2.96
C ILE A 294 4.46 11.97 1.53
N ILE A 295 3.80 11.21 0.64
CA ILE A 295 4.20 11.13 -0.76
C ILE A 295 3.13 11.58 -1.75
N GLY A 296 1.94 11.90 -1.27
CA GLY A 296 0.84 12.29 -2.13
C GLY A 296 -0.21 13.08 -1.40
N ASP A 297 -1.49 12.69 -1.60
CA ASP A 297 -2.64 13.39 -1.04
C ASP A 297 -3.11 12.86 0.31
N GLU A 298 -2.21 12.24 1.10
CA GLU A 298 -2.57 11.69 2.40
C GLU A 298 -3.42 12.62 3.29
N LEU A 299 -2.97 13.87 3.46
CA LEU A 299 -3.65 14.81 4.35
C LEU A 299 -5.05 15.15 3.89
N LYS A 300 -5.24 15.43 2.58
CA LYS A 300 -6.54 15.74 1.97
C LYS A 300 -7.47 14.53 2.06
N ILE A 301 -6.94 13.32 1.83
CA ILE A 301 -7.71 12.08 1.91
C ILE A 301 -8.24 11.87 3.33
N ASN A 302 -7.36 11.97 4.33
CA ASN A 302 -7.77 11.78 5.73
C ASN A 302 -8.81 12.83 6.15
N ALA A 303 -8.60 14.09 5.77
CA ALA A 303 -9.54 15.16 6.07
C ALA A 303 -10.89 14.92 5.38
N ALA A 304 -10.86 14.47 4.12
CA ALA A 304 -12.04 14.15 3.34
C ALA A 304 -12.81 13.00 4.01
N CYS A 305 -12.10 11.96 4.49
CA CYS A 305 -12.73 10.84 5.17
C CYS A 305 -13.49 11.28 6.41
N ARG A 306 -12.89 12.20 7.21
CA ARG A 306 -13.53 12.72 8.41
C ARG A 306 -14.80 13.56 8.04
N LYS A 307 -14.70 14.33 6.96
CA LYS A 307 -15.82 15.17 6.52
C LYS A 307 -17.00 14.32 6.05
N VAL A 308 -16.71 13.31 5.23
CA VAL A 308 -17.69 12.40 4.69
C VAL A 308 -18.34 11.59 5.80
N GLN A 309 -17.53 11.07 6.76
CA GLN A 309 -18.09 10.32 7.88
C GLN A 309 -19.11 11.13 8.68
N HIS A 310 -18.76 12.36 9.03
CA HIS A 310 -19.67 13.23 9.78
C HIS A 310 -20.97 13.48 8.98
N MET A 311 -20.84 13.74 7.69
CA MET A 311 -21.99 14.04 6.81
C MET A 311 -22.97 12.86 6.75
N VAL A 312 -22.44 11.68 6.40
CA VAL A 312 -23.23 10.49 6.19
C VAL A 312 -23.93 10.02 7.44
N VAL A 313 -23.21 9.97 8.56
CA VAL A 313 -23.79 9.54 9.82
C VAL A 313 -24.81 10.56 10.32
N LYS A 314 -24.47 11.87 10.23
CA LYS A 314 -25.41 12.90 10.67
C LYS A 314 -26.75 12.81 9.91
N ALA A 315 -26.68 12.60 8.58
CA ALA A 315 -27.87 12.51 7.72
C ALA A 315 -28.65 11.22 7.96
N ALA A 316 -27.97 10.09 8.22
CA ALA A 316 -28.66 8.84 8.54
C ALA A 316 -29.45 9.00 9.84
N LEU A 317 -28.83 9.63 10.87
CA LEU A 317 -29.53 9.85 12.13
C LEU A 317 -30.70 10.82 11.97
N LEU A 318 -30.56 11.86 11.17
CA LEU A 318 -31.66 12.81 10.93
C LEU A 318 -32.80 12.17 10.12
N ALA A 319 -32.44 11.36 9.13
CA ALA A 319 -33.41 10.75 8.22
C ALA A 319 -34.19 9.58 8.82
N ASP A 320 -33.54 8.76 9.68
CA ASP A 320 -34.25 7.60 10.23
C ASP A 320 -34.40 7.61 11.75
N LYS A 321 -33.84 8.63 12.43
CA LYS A 321 -34.02 8.83 13.88
C LYS A 321 -33.74 7.59 14.71
N PHE A 322 -32.64 6.87 14.40
CA PHE A 322 -32.26 5.68 15.17
C PHE A 322 -32.05 6.05 16.64
N PRO A 323 -32.64 5.28 17.56
CA PRO A 323 -32.45 5.59 18.98
C PRO A 323 -31.04 5.21 19.50
N VAL A 324 -30.37 4.26 18.83
CA VAL A 324 -29.04 3.80 19.25
C VAL A 324 -28.15 3.56 18.01
N LEU A 325 -26.85 3.87 18.15
CA LEU A 325 -25.86 3.65 17.12
C LEU A 325 -24.74 2.77 17.72
N HIS A 326 -24.39 1.69 17.04
CA HIS A 326 -23.34 0.76 17.47
C HIS A 326 -22.13 1.03 16.59
N ASP A 327 -21.11 1.66 17.18
CA ASP A 327 -19.92 2.10 16.49
C ASP A 327 -18.86 1.03 16.67
N ILE A 328 -18.67 0.19 15.65
CA ILE A 328 -17.76 -0.95 15.73
C ILE A 328 -16.48 -0.71 14.97
N GLY A 329 -15.36 -0.84 15.68
CA GLY A 329 -14.07 -0.63 15.03
C GLY A 329 -13.04 -0.02 15.91
N ASN A 330 -12.23 0.89 15.34
CA ASN A 330 -11.10 1.48 16.05
C ASN A 330 -11.32 1.79 17.55
N PRO A 331 -10.55 1.13 18.45
CA PRO A 331 -10.76 1.38 19.90
C PRO A 331 -10.47 2.82 20.34
N LYS A 332 -9.86 3.63 19.48
CA LYS A 332 -9.61 5.04 19.76
C LYS A 332 -10.64 5.93 19.04
N ALA A 333 -11.79 5.38 18.55
CA ALA A 333 -12.78 6.20 17.86
C ALA A 333 -13.43 7.21 18.80
N ILE A 334 -13.82 8.34 18.22
CA ILE A 334 -14.50 9.46 18.85
C ILE A 334 -15.87 9.56 18.13
N LYS A 335 -16.93 10.05 18.82
CA LYS A 335 -18.26 10.24 18.19
C LYS A 335 -18.09 11.18 16.99
N CYS A 336 -18.48 10.74 15.78
CA CYS A 336 -18.30 11.57 14.58
C CYS A 336 -19.39 12.64 14.42
N VAL A 337 -20.49 12.55 15.21
CA VAL A 337 -21.58 13.56 15.19
C VAL A 337 -21.82 13.87 16.68
N PRO A 338 -20.94 14.68 17.29
CA PRO A 338 -21.03 14.92 18.75
C PRO A 338 -22.33 15.57 19.25
N GLN A 339 -23.05 16.27 18.37
CA GLN A 339 -24.29 16.92 18.78
C GLN A 339 -25.54 16.04 18.61
N ALA A 340 -25.42 14.83 18.02
CA ALA A 340 -26.57 13.94 17.83
C ALA A 340 -27.15 13.42 19.15
N ASP A 341 -28.47 13.25 19.19
CA ASP A 341 -29.19 12.81 20.39
C ASP A 341 -28.90 11.37 20.79
N VAL A 342 -28.81 10.50 19.79
CA VAL A 342 -28.63 9.07 19.82
C VAL A 342 -27.77 8.49 20.96
N GLU A 343 -28.13 7.29 21.42
CA GLU A 343 -27.31 6.58 22.40
C GLU A 343 -26.14 6.01 21.60
N TRP A 344 -24.92 6.52 21.83
CA TRP A 344 -23.74 6.09 21.08
C TRP A 344 -23.01 5.01 21.87
N LYS A 345 -22.91 3.80 21.31
CA LYS A 345 -22.20 2.70 21.99
C LYS A 345 -21.02 2.24 21.15
N PHE A 346 -19.84 2.13 21.77
CA PHE A 346 -18.60 1.76 21.07
C PHE A 346 -18.20 0.31 21.31
N TYR A 347 -17.64 -0.33 20.28
CA TYR A 347 -17.18 -1.72 20.33
C TYR A 347 -15.78 -1.72 19.72
N ASP A 348 -14.81 -2.29 20.43
CA ASP A 348 -13.43 -2.24 20.00
C ASP A 348 -13.06 -3.38 19.07
N ALA A 349 -12.47 -3.04 17.95
CA ALA A 349 -11.95 -4.01 17.01
C ALA A 349 -10.84 -3.33 16.25
N GLN A 350 -9.61 -3.82 16.40
CA GLN A 350 -8.48 -3.28 15.65
C GLN A 350 -8.67 -3.58 14.15
N PRO A 351 -8.04 -2.81 13.23
CA PRO A 351 -8.22 -3.12 11.80
C PRO A 351 -7.70 -4.52 11.48
N CYS A 352 -8.52 -5.34 10.81
CA CYS A 352 -8.11 -6.70 10.50
C CYS A 352 -7.14 -6.69 9.33
N SER A 353 -6.02 -7.36 9.50
CA SER A 353 -4.98 -7.37 8.48
C SER A 353 -4.91 -8.66 7.67
N ASP A 354 -5.54 -9.75 8.15
CA ASP A 354 -5.45 -11.03 7.49
C ASP A 354 -6.76 -11.36 6.75
N LYS A 355 -7.78 -11.84 7.47
CA LYS A 355 -9.09 -12.10 6.88
C LYS A 355 -10.06 -11.12 7.49
N ALA A 356 -11.17 -10.82 6.77
CA ALA A 356 -12.21 -9.96 7.33
C ALA A 356 -12.81 -10.64 8.58
N TYR A 357 -13.26 -9.84 9.55
CA TYR A 357 -13.89 -10.38 10.76
C TYR A 357 -15.16 -11.14 10.41
N LYS A 358 -15.46 -12.20 11.16
CA LYS A 358 -16.71 -12.90 10.97
C LYS A 358 -17.73 -12.13 11.80
N ILE A 359 -18.83 -11.67 11.19
CA ILE A 359 -19.87 -10.95 11.94
C ILE A 359 -20.37 -11.77 13.16
N GLU A 360 -20.40 -13.09 13.04
CA GLU A 360 -20.85 -13.96 14.11
C GLU A 360 -19.92 -13.85 15.32
N GLU A 361 -18.61 -13.69 15.13
CA GLU A 361 -17.69 -13.55 16.25
C GLU A 361 -17.71 -12.14 16.86
N LEU A 362 -17.94 -11.09 16.05
CA LEU A 362 -18.00 -9.72 16.58
C LEU A 362 -19.26 -9.52 17.43
N PHE A 363 -20.40 -10.08 16.97
CA PHE A 363 -21.69 -9.86 17.62
C PHE A 363 -22.18 -10.93 18.55
N TYR A 364 -21.81 -12.18 18.34
CA TYR A 364 -22.35 -13.27 19.16
C TYR A 364 -21.34 -13.75 20.23
N SER A 365 -21.65 -14.86 20.92
CA SER A 365 -20.89 -15.39 22.06
C SER A 365 -21.18 -14.53 23.34
N TYR A 366 -22.42 -13.97 23.41
CA TYR A 366 -23.00 -13.12 24.43
C TYR A 366 -22.17 -11.89 24.75
N HIS A 369 -22.38 -4.46 26.57
CA HIS A 369 -22.92 -4.37 25.21
C HIS A 369 -24.42 -4.14 25.21
N SER A 370 -24.94 -3.48 24.16
CA SER A 370 -26.40 -3.36 24.02
C SER A 370 -27.00 -4.77 23.79
N ASP A 371 -26.20 -5.69 23.17
CA ASP A 371 -26.50 -7.07 22.80
C ASP A 371 -27.38 -7.07 21.56
N LYS A 372 -28.39 -6.20 21.53
CA LYS A 372 -29.27 -6.07 20.39
C LYS A 372 -28.66 -5.12 19.34
N PHE A 373 -27.74 -5.67 18.53
CA PHE A 373 -27.17 -4.92 17.41
C PHE A 373 -28.23 -4.67 16.30
N THR A 374 -29.34 -5.43 16.33
CA THR A 374 -30.50 -5.30 15.44
C THR A 374 -31.28 -4.00 15.75
N ASP A 375 -31.08 -3.40 16.95
CA ASP A 375 -31.71 -2.14 17.32
C ASP A 375 -30.87 -1.00 16.77
N GLY A 376 -31.54 0.01 16.26
CA GLY A 376 -30.85 1.17 15.70
C GLY A 376 -30.02 0.86 14.48
N VAL A 377 -28.83 1.46 14.41
CA VAL A 377 -27.95 1.31 13.27
C VAL A 377 -26.51 0.95 13.70
N CYS A 378 -25.79 0.25 12.83
CA CYS A 378 -24.42 -0.16 13.07
C CYS A 378 -23.52 0.62 12.16
N LEU A 379 -22.44 1.14 12.68
CA LEU A 379 -21.50 1.94 11.91
C LEU A 379 -20.19 1.17 11.83
N PHE A 380 -19.77 0.77 10.60
CA PHE A 380 -18.53 0.03 10.39
C PHE A 380 -17.62 0.91 9.53
N TRP A 381 -16.91 1.83 10.17
CA TRP A 381 -16.04 2.74 9.44
C TRP A 381 -14.64 2.15 9.37
N ASN A 382 -14.37 1.51 8.23
CA ASN A 382 -13.14 0.74 7.99
C ASN A 382 -13.03 -0.47 8.92
N CYS A 383 -14.16 -1.03 9.38
CA CYS A 383 -14.10 -2.25 10.19
C CYS A 383 -14.58 -3.34 9.25
N ASN A 384 -13.63 -4.08 8.67
CA ASN A 384 -13.93 -5.02 7.60
C ASN A 384 -14.50 -6.37 8.07
N VAL A 385 -15.76 -6.63 7.73
CA VAL A 385 -16.42 -7.86 8.12
C VAL A 385 -16.83 -8.69 6.89
N ASP A 386 -17.07 -9.99 7.09
CA ASP A 386 -17.47 -10.89 6.02
C ASP A 386 -18.86 -10.55 5.43
N ARG A 387 -19.82 -10.17 6.28
CA ARG A 387 -21.17 -9.84 5.81
C ARG A 387 -21.79 -8.82 6.74
N TYR A 388 -22.00 -7.60 6.24
CA TYR A 388 -22.58 -6.55 7.04
C TYR A 388 -24.05 -6.80 7.30
N PRO A 389 -24.51 -6.51 8.52
CA PRO A 389 -25.96 -6.61 8.78
C PRO A 389 -26.75 -5.56 7.97
N ALA A 390 -28.03 -5.81 7.75
CA ALA A 390 -28.86 -4.89 6.95
C ALA A 390 -28.94 -3.47 7.51
N ASN A 391 -28.86 -3.31 8.85
CA ASN A 391 -28.98 -1.97 9.45
C ASN A 391 -27.61 -1.31 9.63
N SER A 392 -26.83 -1.14 8.54
CA SER A 392 -25.48 -0.61 8.64
C SER A 392 -25.16 0.62 7.78
N ILE A 393 -24.12 1.38 8.18
CA ILE A 393 -23.48 2.49 7.49
C ILE A 393 -22.01 2.00 7.41
N VAL A 394 -21.48 1.83 6.18
CA VAL A 394 -20.14 1.24 5.99
C VAL A 394 -19.21 2.05 5.10
N CYS A 395 -17.96 2.12 5.50
CA CYS A 395 -16.89 2.61 4.67
C CYS A 395 -15.94 1.41 4.54
N ARG A 396 -15.72 0.91 3.33
CA ARG A 396 -14.83 -0.23 3.08
C ARG A 396 -13.79 0.13 2.01
N PHE A 397 -12.51 0.01 2.36
CA PHE A 397 -11.43 0.26 1.42
C PHE A 397 -11.45 -0.81 0.34
N ASP A 398 -11.42 -0.38 -0.93
CA ASP A 398 -11.36 -1.27 -2.08
C ASP A 398 -9.89 -1.51 -2.44
N THR A 399 -9.37 -2.69 -2.06
CA THR A 399 -8.00 -3.11 -2.29
C THR A 399 -7.59 -3.11 -3.77
N ARG A 400 -8.58 -3.19 -4.70
CA ARG A 400 -8.25 -3.19 -6.13
C ARG A 400 -7.83 -1.81 -6.67
N VAL A 401 -7.98 -0.73 -5.88
CA VAL A 401 -7.69 0.62 -6.37
C VAL A 401 -6.23 0.84 -6.73
N LEU A 402 -5.96 1.48 -7.89
CA LEU A 402 -4.58 1.79 -8.27
C LEU A 402 -4.20 3.17 -7.77
N SER A 403 -3.16 3.23 -6.90
CA SER A 403 -2.65 4.50 -6.36
C SER A 403 -1.25 4.36 -5.79
N ASN A 404 -0.56 5.50 -5.60
CA ASN A 404 0.77 5.47 -4.98
C ASN A 404 0.72 5.10 -3.48
N LEU A 405 -0.46 5.22 -2.84
CA LEU A 405 -0.61 4.83 -1.44
C LEU A 405 -0.89 3.33 -1.28
N ASN A 406 -1.55 2.73 -2.25
CA ASN A 406 -1.94 1.33 -2.23
C ASN A 406 -0.93 0.41 -2.92
N LEU A 407 -0.23 -0.40 -2.14
CA LEU A 407 0.74 -1.33 -2.69
C LEU A 407 0.10 -2.73 -2.82
N PRO A 408 0.57 -3.58 -3.79
CA PRO A 408 0.05 -4.95 -3.87
C PRO A 408 0.36 -5.74 -2.59
N GLY A 409 -0.61 -6.52 -2.13
CA GLY A 409 -0.48 -7.27 -0.90
C GLY A 409 -0.57 -8.77 -1.06
N CYS A 410 -0.94 -9.44 0.04
N CYS A 410 -0.98 -9.45 0.02
CA CYS A 410 -1.01 -10.90 0.16
CA CYS A 410 -1.09 -10.91 0.07
C CYS A 410 -2.44 -11.46 0.02
C CYS A 410 -2.48 -11.41 -0.11
N ASP A 411 -2.60 -12.53 -0.80
CA ASP A 411 -3.86 -13.21 -1.02
C ASP A 411 -5.01 -12.32 -1.49
N GLY A 412 -4.72 -11.39 -2.41
CA GLY A 412 -5.74 -10.47 -2.92
C GLY A 412 -5.86 -9.19 -2.11
N GLY A 413 -5.29 -9.17 -0.92
CA GLY A 413 -5.27 -8.00 -0.08
C GLY A 413 -4.33 -6.94 -0.63
N SER A 414 -4.36 -5.76 -0.03
CA SER A 414 -3.46 -4.70 -0.44
C SER A 414 -2.86 -4.06 0.78
N LEU A 415 -1.70 -3.44 0.62
CA LEU A 415 -1.03 -2.76 1.71
C LEU A 415 -1.25 -1.27 1.53
N TYR A 416 -2.21 -0.70 2.27
CA TYR A 416 -2.52 0.72 2.16
C TYR A 416 -1.61 1.50 3.09
N VAL A 417 -0.72 2.33 2.52
CA VAL A 417 0.22 3.09 3.33
C VAL A 417 -0.09 4.57 3.33
N ASN A 418 -0.65 5.03 4.44
CA ASN A 418 -1.02 6.43 4.58
C ASN A 418 -0.78 6.75 6.04
N LYS A 419 0.38 7.36 6.32
CA LYS A 419 0.94 7.65 7.65
C LYS A 419 1.38 6.33 8.31
N HIS A 420 0.52 5.32 8.33
CA HIS A 420 0.81 3.98 8.85
C HIS A 420 0.53 2.93 7.76
N ALA A 421 1.07 1.71 7.92
CA ALA A 421 0.83 0.65 6.95
C ALA A 421 -0.32 -0.23 7.40
N PHE A 422 -1.33 -0.41 6.55
CA PHE A 422 -2.48 -1.23 6.89
C PHE A 422 -2.69 -2.30 5.84
N HIS A 423 -2.34 -3.56 6.15
CA HIS A 423 -2.64 -4.65 5.21
C HIS A 423 -4.13 -4.89 5.32
N THR A 424 -4.83 -4.83 4.18
CA THR A 424 -6.28 -4.89 4.13
C THR A 424 -6.74 -6.11 3.37
N PRO A 425 -7.65 -6.91 3.96
CA PRO A 425 -8.12 -8.11 3.25
C PRO A 425 -8.80 -7.76 1.93
N ALA A 426 -8.71 -8.66 0.96
CA ALA A 426 -9.26 -8.50 -0.40
C ALA A 426 -10.69 -8.00 -0.39
N PHE A 427 -10.97 -6.98 -1.24
CA PHE A 427 -12.32 -6.44 -1.42
C PHE A 427 -13.26 -7.57 -1.89
N ASP A 428 -14.44 -7.64 -1.30
CA ASP A 428 -15.38 -8.73 -1.58
C ASP A 428 -16.77 -8.12 -1.69
N LYS A 429 -17.30 -8.03 -2.91
CA LYS A 429 -18.63 -7.46 -3.16
C LYS A 429 -19.76 -8.17 -2.40
N SER A 430 -19.60 -9.46 -2.10
CA SER A 430 -20.64 -10.21 -1.38
C SER A 430 -20.80 -9.78 0.10
N ALA A 431 -19.83 -9.03 0.66
CA ALA A 431 -19.95 -8.49 2.04
C ALA A 431 -21.12 -7.48 2.14
N PHE A 432 -21.47 -6.84 1.03
CA PHE A 432 -22.46 -5.78 0.95
C PHE A 432 -23.83 -6.24 0.46
N VAL A 433 -24.11 -7.56 0.43
CA VAL A 433 -25.40 -8.04 -0.09
C VAL A 433 -26.65 -7.50 0.61
N ASN A 434 -26.57 -7.17 1.92
CA ASN A 434 -27.73 -6.62 2.63
C ASN A 434 -27.86 -5.08 2.50
N LEU A 435 -26.93 -4.43 1.80
CA LEU A 435 -26.86 -2.98 1.70
C LEU A 435 -26.94 -2.51 0.23
N LYS A 436 -26.90 -1.21 0.03
CA LYS A 436 -26.82 -0.61 -1.29
C LYS A 436 -25.67 0.42 -1.27
N GLN A 437 -25.20 0.83 -2.44
CA GLN A 437 -24.16 1.86 -2.53
C GLN A 437 -24.77 3.18 -2.03
N LEU A 438 -23.99 3.94 -1.27
CA LEU A 438 -24.44 5.21 -0.75
C LEU A 438 -24.28 6.26 -1.87
N PRO A 439 -25.38 6.83 -2.36
CA PRO A 439 -25.25 7.89 -3.37
C PRO A 439 -24.65 9.16 -2.78
N PHE A 440 -24.05 9.99 -3.63
CA PHE A 440 -23.54 11.30 -3.21
C PHE A 440 -24.73 12.20 -2.87
N PHE A 441 -24.55 13.01 -1.84
CA PHE A 441 -25.46 14.06 -1.42
C PHE A 441 -24.68 14.99 -0.47
N TYR A 442 -25.15 16.22 -0.36
CA TYR A 442 -24.61 17.19 0.56
C TYR A 442 -25.79 17.68 1.39
N TYR A 443 -25.66 17.66 2.70
CA TYR A 443 -26.71 18.15 3.59
C TYR A 443 -26.13 19.23 4.50
N SER A 444 -26.88 20.31 4.71
CA SER A 444 -26.49 21.35 5.65
C SER A 444 -27.70 22.05 6.24
N ASP A 445 -27.68 22.19 7.57
CA ASP A 445 -28.67 22.97 8.33
C ASP A 445 -28.05 24.31 8.84
N SER A 446 -26.82 24.64 8.44
CA SER A 446 -26.16 25.87 8.84
C SER A 446 -26.87 27.08 8.19
N PRO A 447 -26.81 28.26 8.83
CA PRO A 447 -27.50 29.42 8.26
C PRO A 447 -26.99 29.80 6.87
N CYS A 448 -27.89 30.33 6.05
CA CYS A 448 -27.53 30.82 4.72
C CYS A 448 -26.93 32.21 4.94
N GLU A 449 -25.61 32.29 5.04
CA GLU A 449 -24.90 33.56 5.25
C GLU A 449 -23.45 33.43 4.79
N SER A 450 -23.04 34.28 3.83
CA SER A 450 -21.74 34.28 3.17
C SER A 450 -20.48 34.44 4.09
N HIS A 451 -20.26 35.63 4.69
CA HIS A 451 -19.10 35.91 5.58
C HIS A 451 -17.72 35.77 4.90
N GLY A 452 -16.95 36.86 4.92
CA GLY A 452 -15.60 36.90 4.37
C GLY A 452 -15.51 37.63 3.06
N ILE A 459 -11.94 33.71 -5.22
CA ILE A 459 -13.10 32.85 -5.06
C ILE A 459 -14.33 33.47 -5.75
N ASP A 460 -14.38 33.42 -7.09
CA ASP A 460 -15.51 33.99 -7.82
C ASP A 460 -16.67 32.97 -8.02
N TYR A 461 -17.88 33.48 -8.29
CA TYR A 461 -19.10 32.69 -8.31
C TYR A 461 -19.85 32.50 -9.66
N VAL A 462 -20.46 31.30 -9.78
CA VAL A 462 -21.37 30.81 -10.83
C VAL A 462 -22.50 30.14 -10.03
N PRO A 463 -23.78 30.50 -10.23
CA PRO A 463 -24.85 29.92 -9.41
C PRO A 463 -24.96 28.40 -9.44
N LEU A 464 -25.11 27.76 -8.26
CA LEU A 464 -25.22 26.31 -8.21
C LEU A 464 -26.64 25.83 -8.41
N LYS A 465 -26.83 24.87 -9.30
CA LYS A 465 -28.10 24.17 -9.50
C LYS A 465 -27.78 22.69 -9.32
N SER A 466 -28.41 22.05 -8.33
CA SER A 466 -28.13 20.63 -8.07
C SER A 466 -29.23 20.00 -7.22
N ALA A 467 -29.74 18.87 -7.66
CA ALA A 467 -30.77 18.15 -6.90
C ALA A 467 -30.21 17.52 -5.59
N THR A 468 -28.87 17.38 -5.48
CA THR A 468 -28.27 16.74 -4.30
C THR A 468 -27.72 17.75 -3.26
N CYS A 469 -28.08 19.05 -3.40
CA CYS A 469 -27.67 20.05 -2.42
C CYS A 469 -28.86 20.17 -1.47
N ILE A 470 -28.82 19.43 -0.38
CA ILE A 470 -29.91 19.35 0.58
C ILE A 470 -29.80 20.45 1.65
N THR A 471 -30.31 21.64 1.27
CA THR A 471 -30.27 22.82 2.12
C THR A 471 -31.63 23.55 2.05
N ARG A 472 -31.88 24.43 3.03
CA ARG A 472 -33.06 25.28 3.11
C ARG A 472 -33.19 26.18 1.87
N CYS A 473 -32.06 26.73 1.37
CA CYS A 473 -32.04 27.60 0.19
C CYS A 473 -32.40 26.84 -1.07
N ASN A 474 -32.00 25.56 -1.16
CA ASN A 474 -32.38 24.73 -2.30
C ASN A 474 -33.86 24.32 -2.21
N LEU A 475 -34.36 24.09 -0.99
CA LEU A 475 -35.77 23.80 -0.76
C LEU A 475 -36.60 25.05 -1.21
N GLY A 476 -36.10 26.24 -0.87
CA GLY A 476 -36.65 27.54 -1.24
C GLY A 476 -36.53 27.90 -2.71
N GLY A 477 -35.77 27.12 -3.49
CA GLY A 477 -35.65 27.31 -4.93
C GLY A 477 -34.41 27.98 -5.50
N ALA A 478 -33.44 28.37 -4.67
CA ALA A 478 -32.22 29.06 -5.14
C ALA A 478 -31.09 28.89 -4.12
N VAL A 479 -30.08 28.09 -4.45
CA VAL A 479 -28.95 27.83 -3.54
C VAL A 479 -28.15 29.12 -3.25
N CYS A 480 -27.92 29.38 -1.96
CA CYS A 480 -27.19 30.57 -1.54
C CYS A 480 -25.68 30.41 -1.82
N ARG A 481 -24.93 31.53 -1.86
CA ARG A 481 -23.48 31.50 -2.11
C ARG A 481 -22.73 30.63 -1.10
N HIS A 482 -23.04 30.75 0.19
CA HIS A 482 -22.39 29.95 1.24
C HIS A 482 -22.56 28.43 0.98
N HIS A 483 -23.81 27.99 0.80
CA HIS A 483 -24.10 26.59 0.59
C HIS A 483 -23.57 26.10 -0.76
N ALA A 484 -23.48 26.97 -1.78
CA ALA A 484 -22.87 26.59 -3.07
C ALA A 484 -21.35 26.34 -2.91
N ASN A 485 -20.66 27.22 -2.17
CA ASN A 485 -19.22 27.06 -1.92
C ASN A 485 -18.95 25.81 -1.07
N GLU A 486 -19.78 25.57 -0.05
CA GLU A 486 -19.63 24.43 0.86
C GLU A 486 -19.94 23.13 0.13
N TYR A 487 -20.95 23.15 -0.77
CA TYR A 487 -21.31 21.98 -1.57
C TYR A 487 -20.13 21.61 -2.47
N ARG A 488 -19.54 22.61 -3.16
CA ARG A 488 -18.43 22.33 -4.09
C ARG A 488 -17.19 21.80 -3.37
N LEU A 489 -16.90 22.33 -2.18
CA LEU A 489 -15.79 21.86 -1.37
C LEU A 489 -16.05 20.43 -0.89
N TYR A 490 -17.30 20.13 -0.50
CA TYR A 490 -17.69 18.81 -0.07
C TYR A 490 -17.59 17.80 -1.20
N LEU A 491 -18.08 18.16 -2.39
CA LEU A 491 -18.00 17.29 -3.57
C LEU A 491 -16.53 16.95 -3.90
N ASP A 492 -15.62 17.95 -3.84
CA ASP A 492 -14.20 17.69 -4.06
C ASP A 492 -13.64 16.70 -3.02
N ALA A 493 -14.00 16.89 -1.73
CA ALA A 493 -13.56 16.00 -0.67
C ALA A 493 -14.09 14.56 -0.89
N TYR A 494 -15.37 14.45 -1.26
CA TYR A 494 -16.01 13.19 -1.58
C TYR A 494 -15.28 12.47 -2.72
N ASN A 495 -15.02 13.17 -3.83
CA ASN A 495 -14.33 12.61 -5.00
C ASN A 495 -12.90 12.18 -4.65
N MET A 496 -12.24 12.90 -3.75
CA MET A 496 -10.88 12.58 -3.30
C MET A 496 -10.91 11.25 -2.54
N MET A 497 -11.85 11.10 -1.61
CA MET A 497 -12.01 9.86 -0.82
C MET A 497 -12.31 8.63 -1.70
N ILE A 498 -13.26 8.76 -2.65
CA ILE A 498 -13.64 7.68 -3.54
C ILE A 498 -12.46 7.32 -4.45
N SER A 499 -11.82 8.32 -5.05
CA SER A 499 -10.68 8.06 -5.92
C SER A 499 -9.52 7.40 -5.17
N ALA A 500 -9.37 7.69 -3.84
CA ALA A 500 -8.36 7.02 -3.03
C ALA A 500 -8.64 5.52 -2.82
N GLY A 501 -9.87 5.07 -3.10
CA GLY A 501 -10.23 3.67 -2.97
C GLY A 501 -11.34 3.33 -1.99
N PHE A 502 -11.79 4.31 -1.20
CA PHE A 502 -12.85 4.05 -0.24
C PHE A 502 -14.20 3.87 -0.93
N SER A 503 -15.01 2.97 -0.41
CA SER A 503 -16.34 2.73 -0.95
C SER A 503 -17.35 2.86 0.21
N LEU A 504 -18.51 3.43 -0.08
CA LEU A 504 -19.55 3.73 0.90
C LEU A 504 -20.84 2.95 0.65
N TRP A 505 -21.36 2.35 1.71
CA TRP A 505 -22.55 1.51 1.62
C TRP A 505 -23.51 1.87 2.76
N VAL A 506 -24.82 1.63 2.55
CA VAL A 506 -25.81 2.04 3.53
C VAL A 506 -27.03 1.12 3.54
N TYR A 507 -27.79 1.12 4.65
CA TYR A 507 -29.03 0.34 4.76
C TYR A 507 -29.98 0.74 3.61
N LYS A 508 -30.67 -0.25 3.03
CA LYS A 508 -31.50 -0.04 1.84
C LYS A 508 -32.62 1.00 1.98
N GLN A 509 -33.08 1.28 3.20
CA GLN A 509 -34.15 2.25 3.43
C GLN A 509 -33.65 3.71 3.41
N PHE A 510 -32.32 3.94 3.37
CA PHE A 510 -31.78 5.29 3.35
C PHE A 510 -32.28 6.08 2.15
N ASP A 511 -32.95 7.20 2.41
CA ASP A 511 -33.51 8.03 1.36
C ASP A 511 -33.28 9.48 1.72
N THR A 512 -32.51 10.23 0.89
CA THR A 512 -32.27 11.65 1.16
C THR A 512 -33.56 12.50 1.06
N TYR A 513 -34.63 11.97 0.46
CA TYR A 513 -35.92 12.67 0.42
C TYR A 513 -36.42 12.94 1.86
N ASN A 514 -36.01 12.08 2.84
CA ASN A 514 -36.35 12.24 4.24
C ASN A 514 -35.62 13.41 4.92
N LEU A 515 -34.59 14.00 4.28
CA LEU A 515 -33.86 15.11 4.88
C LEU A 515 -34.56 16.48 4.67
N TRP A 516 -35.38 16.60 3.63
CA TRP A 516 -36.05 17.88 3.34
C TRP A 516 -36.96 18.37 4.50
N ASN A 517 -37.64 17.44 5.21
CA ASN A 517 -38.52 17.86 6.30
C ASN A 517 -37.79 18.22 7.60
N THR A 518 -36.44 18.14 7.62
CA THR A 518 -35.68 18.65 8.76
C THR A 518 -35.59 20.23 8.68
N PHE A 519 -36.08 20.84 7.58
CA PHE A 519 -36.12 22.29 7.40
C PHE A 519 -37.56 22.83 7.60
N THR A 520 -38.04 22.84 8.86
CA THR A 520 -39.40 23.31 9.16
C THR A 520 -39.44 24.59 10.00
ZN ZN B . 1.04 -14.21 -2.95
ZN ZN C . -28.06 28.37 1.92
ZN ZN D . 16.62 14.41 -9.25
P PO4 E . 10.92 5.56 1.69
O1 PO4 E . 11.05 6.71 0.65
O2 PO4 E . 9.40 5.37 2.14
O3 PO4 E . 11.81 5.98 2.96
O4 PO4 E . 11.40 4.16 1.07
P PO4 F . -21.71 23.61 6.61
O1 PO4 F . -21.98 25.13 6.36
O2 PO4 F . -23.03 22.86 7.14
O3 PO4 F . -21.21 22.90 5.27
O4 PO4 F . -20.57 23.48 7.73
C4 U1V G . -8.30 2.27 8.14
C5 U1V G . -8.49 0.94 7.83
C6 U1V G . -8.21 0.43 6.58
C7 U1V G . -8.51 -1.01 6.24
N U1V G . -8.97 -1.87 8.78
C U1V G . -7.36 0.74 4.24
O U1V G . -8.31 -3.47 7.08
C1 U1V G . -7.70 1.28 5.60
C2 U1V G . -7.49 2.62 5.90
C3 U1V G . -7.79 3.07 7.15
F U1V G . -7.60 4.39 7.43
O1 U1V G . -6.68 -1.82 7.91
S U1V G . -8.01 -2.14 7.53
#